data_7UQ6
#
_entry.id   7UQ6
#
_cell.length_a   88.576
_cell.length_b   165.208
_cell.length_c   57.047
_cell.angle_alpha   90.000
_cell.angle_beta   90.000
_cell.angle_gamma   90.000
#
_symmetry.space_group_name_H-M   'C 2 2 21'
#
loop_
_entity.id
_entity.type
_entity.pdbx_description
1 polymer 'RNA (86-MER)'
2 non-polymer 'BARIUM ION'
3 non-polymer 'POTASSIUM ION'
#
_entity_poly.entity_id   1
_entity_poly.type   'polyribonucleotide'
_entity_poly.pdbx_seq_one_letter_code
;(GTP)CGGAAGUAGUUCAGUGGUAGAACACCGGGUGGAACCCCAGGAAACUGGCCCGGGUCGCGCGGGUUCGAGUCCCGU
CUUCCGCUCC
;
_entity_poly.pdbx_strand_id   B
#